data_8BRV
#
_entry.id   8BRV
#
_cell.length_a   78.650
_cell.length_b   45.470
_cell.length_c   86.470
_cell.angle_alpha   90.000
_cell.angle_beta   107.500
_cell.angle_gamma   90.000
#
_symmetry.space_group_name_H-M   'P 1 21 1'
#
loop_
_entity.id
_entity.type
_entity.pdbx_description
1 polymer 'Methionine--tRNA ligase'
2 non-polymer 'ZINC ION'
3 non-polymer 'CITRIC ACID'
4 non-polymer '(3R)-3-amino-5-(methylsulfanyl)pentanoic acid'
5 water water
#
_entity_poly.entity_id   1
_entity_poly.type   'polypeptide(L)'
_entity_poly.pdbx_seq_one_letter_code
;MGSSHHHHHHSSGLVPRGSHSTQVAKKILVTCAMPYANGSIHLGHMLEHIQADVWVRYQRMRGHEVNFICADDAHGTPIM
LKAQQLGITPEQMIGEMSQEHQTDFAGFNISYDNYHSTHSEENRQLSELIYSRLKENGFIKNRTISQLYDPEKGMFLPDR
FVKGTCPKCKSPDQYGDNCEVCGATYSPTELIEPKSVVSGATPVMRDSEHFFFDLPSFSEMLQAWTRSGALQEQVANKMQ
EWFESGLQQWDISRDAPYFGFEIPNAPGKYFYVWLDAPIGYMGSFKNLCDKRGDSVSFDEYWKKDSTAELYHFIGKDCVY
FHSLFWPAMLEGSNFRKPSNLFVHGYVTVNGAKMSKSRGTFIKASTWLNHFDADSLRYYYTAKLSSRIDDIDLNLEDFVQ
RVNADIVNKVVNLASRNAGFINKRFDGVLASELADPQLYKTFTDAAEVIGEAWESREFGKAVREIMALADLANRYVDEQA
PWVVAKQEGRDADLQAICSMGINLFRVLMTYLKPVLPKLTERAEAFLNTELTWDGIQQPLLGHKVNPFKALYNRIDMRQV
EALVEASK
;
_entity_poly.pdbx_strand_id   A
#
loop_
_chem_comp.id
_chem_comp.type
_chem_comp.name
_chem_comp.formula
CIT non-polymer 'CITRIC ACID' 'C6 H8 O7'
ZN non-polymer 'ZINC ION' 'Zn 2'
#
# COMPACT_ATOMS: atom_id res chain seq x y z
N ALA A 25 -12.44 20.06 -0.07
CA ALA A 25 -11.74 21.26 0.38
C ALA A 25 -10.53 20.90 1.24
N LYS A 26 -10.43 19.62 1.60
CA LYS A 26 -9.38 19.19 2.51
C LYS A 26 -8.04 19.14 1.78
N LYS A 27 -6.97 19.33 2.56
CA LYS A 27 -5.60 19.03 2.15
C LYS A 27 -5.20 17.75 2.86
N ILE A 28 -4.84 16.72 2.09
CA ILE A 28 -4.51 15.42 2.64
C ILE A 28 -3.16 14.96 2.09
N LEU A 29 -2.26 14.56 2.99
CA LEU A 29 -1.02 13.88 2.65
C LEU A 29 -1.15 12.42 3.08
N VAL A 30 -1.06 11.49 2.10
CA VAL A 30 -1.24 10.07 2.34
C VAL A 30 0.04 9.35 1.93
N THR A 31 0.49 8.40 2.76
CA THR A 31 1.68 7.62 2.45
C THR A 31 1.36 6.13 2.50
N CYS A 32 2.25 5.36 1.86
CA CYS A 32 2.38 3.94 2.13
C CYS A 32 3.74 3.67 2.74
N ALA A 33 3.87 2.54 3.45
CA ALA A 33 5.18 2.15 3.97
C ALA A 33 6.16 1.95 2.83
N MET A 34 7.42 2.23 3.09
CA MET A 34 8.43 2.23 2.03
C MET A 34 8.95 0.84 1.76
N PRO A 35 8.89 0.35 0.52
CA PRO A 35 9.49 -0.95 0.23
C PRO A 35 10.98 -0.91 0.48
N TYR A 36 11.50 -1.99 1.05
CA TYR A 36 12.94 -2.17 1.17
C TYR A 36 13.60 -2.27 -0.22
N ALA A 37 14.73 -1.60 -0.38
CA ALA A 37 15.34 -1.54 -1.69
C ALA A 37 15.96 -2.86 -2.13
N ASN A 38 16.18 -3.83 -1.26
CA ASN A 38 16.74 -5.06 -1.78
C ASN A 38 15.77 -6.22 -1.78
N GLY A 39 14.61 -6.03 -2.35
CA GLY A 39 13.69 -7.14 -2.59
C GLY A 39 12.66 -6.68 -3.60
N SER A 40 12.21 -7.64 -4.42
CA SER A 40 11.19 -7.28 -5.42
C SER A 40 9.81 -7.11 -4.76
N ILE A 41 8.97 -6.30 -5.40
CA ILE A 41 7.58 -6.11 -4.97
C ILE A 41 6.82 -7.42 -5.10
N HIS A 42 6.12 -7.82 -4.05
CA HIS A 42 5.28 -9.03 -4.12
C HIS A 42 3.85 -8.69 -3.74
N LEU A 43 2.97 -9.71 -3.73
CA LEU A 43 1.55 -9.44 -3.53
C LEU A 43 1.23 -8.88 -2.15
N GLY A 44 2.10 -9.08 -1.16
CA GLY A 44 1.94 -8.45 0.14
C GLY A 44 2.11 -6.94 0.07
N HIS A 45 3.18 -6.47 -0.58
CA HIS A 45 3.26 -5.04 -0.86
C HIS A 45 2.01 -4.55 -1.57
N MET A 46 1.52 -5.31 -2.56
CA MET A 46 0.47 -4.77 -3.41
C MET A 46 -0.84 -4.59 -2.64
N LEU A 47 -1.10 -5.40 -1.61
CA LEU A 47 -2.29 -5.19 -0.81
C LEU A 47 -2.28 -3.78 -0.21
N GLU A 48 -1.13 -3.38 0.34
CA GLU A 48 -1.02 -2.07 0.98
C GLU A 48 -1.16 -0.94 -0.03
N HIS A 49 -0.43 -1.03 -1.14
CA HIS A 49 -0.45 0.08 -2.11
C HIS A 49 -1.77 0.17 -2.86
N ILE A 50 -2.43 -0.98 -3.14
CA ILE A 50 -3.77 -0.94 -3.71
C ILE A 50 -4.78 -0.36 -2.72
N GLN A 51 -4.71 -0.78 -1.45
CA GLN A 51 -5.66 -0.24 -0.46
C GLN A 51 -5.55 1.29 -0.41
N ALA A 52 -4.32 1.78 -0.27
CA ALA A 52 -4.12 3.22 -0.24
C ALA A 52 -4.59 3.90 -1.52
N ASP A 53 -4.28 3.30 -2.67
CA ASP A 53 -4.63 3.92 -3.95
C ASP A 53 -6.14 4.05 -4.14
N VAL A 54 -6.90 3.01 -3.75
CA VAL A 54 -8.35 3.10 -3.84
C VAL A 54 -8.85 4.28 -3.01
N TRP A 55 -8.34 4.41 -1.79
CA TRP A 55 -8.76 5.49 -0.89
C TRP A 55 -8.41 6.86 -1.47
N VAL A 56 -7.17 6.99 -1.96
CA VAL A 56 -6.68 8.21 -2.57
C VAL A 56 -7.52 8.59 -3.79
N ARG A 57 -7.84 7.61 -4.65
CA ARG A 57 -8.62 7.95 -5.83
C ARG A 57 -10.03 8.40 -5.47
N TYR A 58 -10.64 7.78 -4.45
CA TYR A 58 -11.93 8.27 -3.97
C TYR A 58 -11.82 9.70 -3.44
N GLN A 59 -10.78 10.00 -2.64
CA GLN A 59 -10.66 11.34 -2.09
C GLN A 59 -10.50 12.37 -3.21
N ARG A 60 -9.73 12.03 -4.25
CA ARG A 60 -9.61 12.93 -5.40
C ARG A 60 -10.97 13.13 -6.07
N MET A 61 -11.76 12.05 -6.21
CA MET A 61 -13.07 12.17 -6.84
C MET A 61 -14.00 13.09 -6.06
N ARG A 62 -13.78 13.24 -4.74
CA ARG A 62 -14.63 14.12 -3.95
C ARG A 62 -14.07 15.54 -3.87
N GLY A 63 -13.01 15.83 -4.63
CA GLY A 63 -12.55 17.20 -4.81
C GLY A 63 -11.47 17.67 -3.88
N HIS A 64 -10.92 16.80 -3.05
CA HIS A 64 -9.90 17.21 -2.09
C HIS A 64 -8.53 17.33 -2.75
N GLU A 65 -7.67 18.10 -2.09
CA GLU A 65 -6.26 18.23 -2.47
C GLU A 65 -5.52 17.07 -1.82
N VAL A 66 -5.11 16.10 -2.61
CA VAL A 66 -4.46 14.91 -2.09
C VAL A 66 -3.04 14.85 -2.62
N ASN A 67 -2.11 14.52 -1.73
CA ASN A 67 -0.72 14.24 -2.08
C ASN A 67 -0.42 12.82 -1.59
N PHE A 68 -0.20 11.92 -2.55
CA PHE A 68 0.05 10.49 -2.31
C PHE A 68 1.55 10.26 -2.52
N ILE A 69 2.24 9.92 -1.42
CA ILE A 69 3.70 9.98 -1.28
C ILE A 69 4.24 8.61 -0.87
N CYS A 70 5.32 8.18 -1.52
CA CYS A 70 6.07 7.02 -1.08
C CYS A 70 7.55 7.16 -1.49
N ALA A 71 8.33 6.13 -1.17
CA ALA A 71 9.74 6.12 -1.50
C ALA A 71 10.28 4.72 -1.25
N ASP A 72 11.46 4.46 -1.83
CA ASP A 72 12.24 3.28 -1.50
C ASP A 72 13.06 3.53 -0.23
N ASP A 73 13.06 2.54 0.66
CA ASP A 73 13.86 2.56 1.90
C ASP A 73 15.22 1.94 1.56
N ALA A 74 16.23 2.79 1.40
CA ALA A 74 17.45 2.40 0.66
C ALA A 74 18.75 2.31 1.46
N HIS A 75 18.73 2.51 2.78
CA HIS A 75 19.97 2.49 3.55
C HIS A 75 20.18 1.19 4.33
N GLY A 76 21.38 1.01 4.84
CA GLY A 76 21.64 0.01 5.85
C GLY A 76 22.72 -1.01 5.47
N THR A 77 23.08 -1.80 6.48
CA THR A 77 24.14 -2.80 6.32
C THR A 77 23.82 -3.85 5.27
N PRO A 78 22.64 -4.47 5.24
CA PRO A 78 22.39 -5.46 4.17
C PRO A 78 22.56 -4.89 2.78
N ILE A 79 22.12 -3.66 2.57
CA ILE A 79 22.27 -3.05 1.24
C ILE A 79 23.74 -2.80 0.94
N MET A 80 24.51 -2.28 1.91
CA MET A 80 25.93 -2.11 1.71
C MET A 80 26.60 -3.42 1.28
N LEU A 81 26.29 -4.50 2.00
CA LEU A 81 26.97 -5.77 1.75
C LEU A 81 26.54 -6.35 0.42
N LYS A 82 25.25 -6.27 0.08
CA LYS A 82 24.79 -6.82 -1.18
C LYS A 82 25.48 -6.13 -2.36
N ALA A 83 25.58 -4.80 -2.32
CA ALA A 83 26.29 -4.09 -3.39
C ALA A 83 27.74 -4.57 -3.50
N GLN A 84 28.45 -4.70 -2.37
CA GLN A 84 29.81 -5.20 -2.42
C GLN A 84 29.87 -6.56 -3.12
N GLN A 85 28.93 -7.46 -2.77
CA GLN A 85 28.92 -8.78 -3.39
C GLN A 85 28.67 -8.70 -4.88
N LEU A 86 27.81 -7.76 -5.30
CA LEU A 86 27.53 -7.59 -6.72
C LEU A 86 28.64 -6.83 -7.45
N GLY A 87 29.53 -6.18 -6.72
CA GLY A 87 30.61 -5.44 -7.33
C GLY A 87 30.22 -4.10 -7.93
N ILE A 88 29.17 -3.47 -7.41
CA ILE A 88 28.71 -2.18 -7.89
C ILE A 88 28.50 -1.28 -6.68
N THR A 89 28.33 0.01 -6.95
CA THR A 89 28.12 0.93 -5.86
C THR A 89 26.71 0.74 -5.29
N PRO A 90 26.51 1.03 -4.01
CA PRO A 90 25.14 0.94 -3.48
C PRO A 90 24.21 1.90 -4.20
N GLU A 91 24.73 3.06 -4.60
CA GLU A 91 23.92 4.01 -5.37
C GLU A 91 23.43 3.40 -6.67
N GLN A 92 24.30 2.72 -7.41
CA GLN A 92 23.84 2.08 -8.64
C GLN A 92 22.79 1.02 -8.33
N MET A 93 23.05 0.20 -7.30
CA MET A 93 22.14 -0.90 -6.98
C MET A 93 20.76 -0.40 -6.57
N ILE A 94 20.70 0.57 -5.66
CA ILE A 94 19.39 1.05 -5.21
C ILE A 94 18.65 1.78 -6.35
N GLY A 95 19.39 2.42 -7.25
CA GLY A 95 18.74 3.04 -8.39
C GLY A 95 18.06 2.01 -9.28
N GLU A 96 18.73 0.87 -9.51
CA GLU A 96 18.12 -0.17 -10.33
C GLU A 96 16.90 -0.77 -9.64
N MET A 97 16.96 -0.99 -8.33
N MET A 97 16.99 -0.97 -8.32
CA MET A 97 15.77 -1.56 -7.70
CA MET A 97 15.87 -1.53 -7.56
C MET A 97 14.65 -0.53 -7.62
C MET A 97 14.70 -0.55 -7.53
N SER A 98 14.99 0.74 -7.40
CA SER A 98 13.92 1.75 -7.38
C SER A 98 13.17 1.76 -8.72
N GLN A 99 13.90 1.63 -9.83
N GLN A 99 13.91 1.61 -9.83
CA GLN A 99 13.24 1.60 -11.13
CA GLN A 99 13.25 1.60 -11.14
C GLN A 99 12.37 0.37 -11.28
C GLN A 99 12.38 0.37 -11.30
N GLU A 100 12.85 -0.79 -10.81
CA GLU A 100 12.03 -1.99 -10.88
C GLU A 100 10.74 -1.83 -10.07
N HIS A 101 10.86 -1.31 -8.85
CA HIS A 101 9.68 -1.11 -8.02
C HIS A 101 8.68 -0.18 -8.69
N GLN A 102 9.16 0.93 -9.22
CA GLN A 102 8.25 1.92 -9.80
C GLN A 102 7.61 1.38 -11.06
N THR A 103 8.29 0.52 -11.79
CA THR A 103 7.65 -0.13 -12.93
C THR A 103 6.50 -1.03 -12.50
N ASP A 104 6.73 -1.84 -11.46
CA ASP A 104 5.67 -2.70 -10.92
C ASP A 104 4.47 -1.88 -10.41
N PHE A 105 4.74 -0.86 -9.60
CA PHE A 105 3.61 -0.06 -9.11
C PHE A 105 2.86 0.65 -10.24
N ALA A 106 3.58 1.12 -11.26
CA ALA A 106 2.93 1.72 -12.42
C ALA A 106 2.05 0.71 -13.13
N GLY A 107 2.51 -0.54 -13.15
CA GLY A 107 1.73 -1.59 -13.75
C GLY A 107 0.40 -1.86 -13.06
N PHE A 108 0.32 -1.56 -11.75
CA PHE A 108 -0.93 -1.67 -11.00
C PHE A 108 -1.66 -0.35 -10.86
N ASN A 109 -1.20 0.71 -11.55
CA ASN A 109 -1.86 2.00 -11.56
C ASN A 109 -1.94 2.61 -10.16
N ILE A 110 -0.85 2.47 -9.40
CA ILE A 110 -0.73 3.17 -8.13
C ILE A 110 -0.33 4.62 -8.40
N SER A 111 -1.21 5.56 -8.06
CA SER A 111 -1.17 6.93 -8.59
C SER A 111 -0.40 7.90 -7.70
N TYR A 112 0.86 7.58 -7.40
CA TYR A 112 1.64 8.43 -6.52
C TYR A 112 1.79 9.81 -7.16
N ASP A 113 1.73 10.84 -6.31
CA ASP A 113 2.20 12.15 -6.73
C ASP A 113 3.72 12.27 -6.67
N ASN A 114 4.37 11.47 -5.83
CA ASN A 114 5.83 11.42 -5.87
C ASN A 114 6.30 10.11 -5.25
N TYR A 115 7.30 9.50 -5.87
CA TYR A 115 7.98 8.31 -5.35
C TYR A 115 9.47 8.63 -5.33
N HIS A 116 10.01 8.76 -4.12
CA HIS A 116 11.39 9.23 -3.95
C HIS A 116 12.25 8.16 -3.32
N SER A 117 13.24 8.54 -2.53
CA SER A 117 14.21 7.64 -1.94
C SER A 117 14.57 8.18 -0.58
N THR A 118 14.81 7.28 0.37
CA THR A 118 15.40 7.76 1.62
C THR A 118 16.83 8.21 1.39
N HIS A 119 17.49 7.75 0.32
CA HIS A 119 18.83 8.23 -0.03
C HIS A 119 18.67 9.44 -0.96
N SER A 120 18.50 10.62 -0.33
CA SER A 120 18.28 11.85 -1.08
C SER A 120 18.80 13.02 -0.25
N GLU A 121 19.11 14.13 -0.93
CA GLU A 121 19.57 15.33 -0.23
C GLU A 121 18.47 15.90 0.65
N GLU A 122 17.21 15.81 0.21
CA GLU A 122 16.10 16.28 1.05
C GLU A 122 16.05 15.51 2.36
N ASN A 123 16.16 14.18 2.30
CA ASN A 123 16.14 13.42 3.53
C ASN A 123 17.42 13.60 4.35
N ARG A 124 18.57 13.82 3.71
CA ARG A 124 19.79 14.09 4.47
C ARG A 124 19.60 15.34 5.32
N GLN A 125 19.11 16.42 4.70
CA GLN A 125 19.00 17.67 5.45
C GLN A 125 17.93 17.58 6.53
N LEU A 126 16.82 16.89 6.25
CA LEU A 126 15.78 16.78 7.27
C LEU A 126 16.19 15.85 8.40
N SER A 127 16.91 14.78 8.07
CA SER A 127 17.40 13.90 9.12
C SER A 127 18.38 14.63 10.02
N GLU A 128 19.27 15.43 9.43
CA GLU A 128 20.21 16.20 10.24
C GLU A 128 19.49 17.24 11.09
N LEU A 129 18.45 17.86 10.53
CA LEU A 129 17.72 18.89 11.26
C LEU A 129 16.99 18.29 12.45
N ILE A 130 16.27 17.20 12.21
CA ILE A 130 15.52 16.57 13.28
C ILE A 130 16.44 16.06 14.38
N TYR A 131 17.55 15.41 14.02
CA TYR A 131 18.48 14.96 15.03
C TYR A 131 19.01 16.13 15.85
N SER A 132 19.40 17.23 15.19
CA SER A 132 19.96 18.35 15.94
C SER A 132 18.93 18.94 16.88
N ARG A 133 17.65 18.95 16.48
CA ARG A 133 16.62 19.44 17.38
C ARG A 133 16.40 18.48 18.54
N LEU A 134 16.36 17.18 18.25
CA LEU A 134 16.21 16.21 19.33
C LEU A 134 17.35 16.34 20.34
N LYS A 135 18.57 16.54 19.85
CA LYS A 135 19.73 16.63 20.73
C LYS A 135 19.69 17.91 21.56
N GLU A 136 19.35 19.04 20.92
CA GLU A 136 19.25 20.30 21.66
C GLU A 136 18.16 20.25 22.71
N ASN A 137 17.10 19.49 22.47
CA ASN A 137 15.98 19.41 23.40
C ASN A 137 16.17 18.35 24.49
N GLY A 138 17.29 17.64 24.52
CA GLY A 138 17.57 16.70 25.58
C GLY A 138 17.11 15.27 25.36
N PHE A 139 16.76 14.91 24.14
CA PHE A 139 16.19 13.60 23.87
C PHE A 139 17.18 12.62 23.25
N ILE A 140 18.45 12.97 23.17
CA ILE A 140 19.50 12.06 22.69
C ILE A 140 20.45 11.75 23.83
N LYS A 141 20.65 10.45 24.09
CA LYS A 141 21.51 9.97 25.15
C LYS A 141 22.65 9.17 24.53
N ASN A 142 23.82 9.25 25.17
CA ASN A 142 25.00 8.51 24.75
C ASN A 142 25.22 7.32 25.68
N ARG A 143 25.46 6.15 25.10
CA ARG A 143 25.67 4.92 25.85
C ARG A 143 26.65 4.04 25.10
N THR A 144 27.57 3.42 25.85
CA THR A 144 28.49 2.44 25.28
C THR A 144 27.84 1.07 25.31
N ILE A 145 27.87 0.39 24.18
CA ILE A 145 27.33 -0.96 24.06
C ILE A 145 28.44 -1.90 23.63
N SER A 146 28.18 -3.20 23.79
CA SER A 146 29.10 -4.26 23.41
C SER A 146 28.40 -5.09 22.34
N GLN A 147 29.10 -5.38 21.26
CA GLN A 147 28.49 -6.10 20.14
C GLN A 147 29.54 -6.94 19.42
N LEU A 148 29.10 -8.07 18.89
CA LEU A 148 30.00 -8.89 18.07
C LEU A 148 30.54 -8.11 16.87
N TYR A 149 31.82 -8.33 16.58
CA TYR A 149 32.61 -7.55 15.63
C TYR A 149 33.50 -8.47 14.83
N ASP A 150 33.48 -8.29 13.51
CA ASP A 150 34.31 -9.05 12.60
C ASP A 150 35.64 -8.32 12.43
N PRO A 151 36.74 -8.83 13.04
CA PRO A 151 38.01 -8.09 12.97
C PRO A 151 38.73 -8.20 11.64
N GLU A 152 38.37 -9.15 10.79
CA GLU A 152 38.99 -9.26 9.48
C GLU A 152 38.35 -8.28 8.50
N LYS A 153 37.03 -8.40 8.34
CA LYS A 153 36.27 -7.42 7.56
C LYS A 153 36.38 -6.03 8.17
N GLY A 154 36.40 -5.94 9.49
CA GLY A 154 36.46 -4.66 10.15
C GLY A 154 35.10 -4.00 10.31
N MET A 155 34.10 -4.73 10.80
CA MET A 155 32.78 -4.17 11.01
C MET A 155 32.01 -4.90 12.09
N PHE A 156 31.11 -4.17 12.73
CA PHE A 156 30.14 -4.79 13.63
C PHE A 156 29.16 -5.64 12.83
N LEU A 157 28.72 -6.74 13.43
CA LEU A 157 27.88 -7.73 12.79
C LEU A 157 26.46 -7.67 13.36
N PRO A 158 25.46 -7.32 12.57
CA PRO A 158 24.07 -7.58 13.00
C PRO A 158 23.90 -9.07 13.27
N ASP A 159 22.90 -9.39 14.08
CA ASP A 159 22.68 -10.77 14.53
C ASP A 159 22.68 -11.77 13.38
N ARG A 160 21.98 -11.47 12.29
CA ARG A 160 21.83 -12.49 11.26
C ARG A 160 23.07 -12.64 10.38
N PHE A 161 24.12 -11.88 10.62
CA PHE A 161 25.40 -12.08 9.97
C PHE A 161 26.40 -12.79 10.88
N VAL A 162 25.91 -13.43 11.94
CA VAL A 162 26.69 -14.33 12.78
C VAL A 162 26.08 -15.72 12.64
N LYS A 163 26.92 -16.72 12.40
CA LYS A 163 26.46 -18.10 12.38
C LYS A 163 27.34 -18.94 13.29
N GLY A 164 26.82 -20.08 13.69
CA GLY A 164 27.56 -20.94 14.58
C GLY A 164 26.74 -22.14 14.96
N THR A 165 27.15 -22.77 16.03
CA THR A 165 26.55 -24.02 16.49
C THR A 165 25.60 -23.72 17.66
N CYS A 166 24.39 -24.24 17.58
CA CYS A 166 23.36 -24.02 18.58
C CYS A 166 23.84 -24.47 19.95
N PRO A 167 23.86 -23.60 20.96
CA PRO A 167 24.36 -24.02 22.28
C PRO A 167 23.53 -25.08 22.97
N LYS A 168 22.26 -25.28 22.58
CA LYS A 168 21.39 -26.23 23.25
C LYS A 168 21.49 -27.62 22.61
N CYS A 169 21.22 -27.70 21.31
CA CYS A 169 21.16 -28.99 20.64
C CYS A 169 22.45 -29.32 19.87
N LYS A 170 23.35 -28.36 19.73
CA LYS A 170 24.64 -28.53 19.06
C LYS A 170 24.51 -28.71 17.54
N SER A 171 23.37 -28.32 16.97
CA SER A 171 23.22 -28.32 15.50
C SER A 171 24.14 -27.26 14.90
N PRO A 172 24.93 -27.59 13.87
CA PRO A 172 25.79 -26.59 13.24
C PRO A 172 25.04 -25.66 12.30
N ASP A 173 25.74 -24.58 11.91
CA ASP A 173 25.35 -23.71 10.80
C ASP A 173 24.00 -23.04 11.04
N GLN A 174 23.80 -22.58 12.28
CA GLN A 174 22.63 -21.82 12.68
C GLN A 174 22.98 -20.33 12.66
N TYR A 175 21.99 -19.52 12.27
CA TYR A 175 22.16 -18.10 12.06
C TYR A 175 21.44 -17.26 13.10
N GLY A 176 22.13 -16.23 13.59
CA GLY A 176 21.46 -15.24 14.41
C GLY A 176 21.07 -15.78 15.79
N ASP A 177 19.87 -15.39 16.23
CA ASP A 177 19.46 -15.59 17.61
C ASP A 177 18.52 -16.79 17.79
N ASN A 178 18.47 -17.71 16.82
CA ASN A 178 17.59 -18.86 16.98
C ASN A 178 18.07 -20.03 16.15
N CYS A 179 17.70 -21.23 16.60
CA CYS A 179 18.07 -22.49 15.97
C CYS A 179 16.88 -23.06 15.23
N GLU A 180 17.07 -23.37 13.96
CA GLU A 180 16.00 -23.90 13.11
C GLU A 180 15.87 -25.41 13.21
N VAL A 181 16.64 -26.05 14.09
CA VAL A 181 16.47 -27.48 14.32
C VAL A 181 15.63 -27.65 15.59
N CYS A 182 16.12 -27.17 16.73
CA CYS A 182 15.43 -27.38 18.00
C CYS A 182 14.52 -26.22 18.40
N GLY A 183 14.59 -25.09 17.71
CA GLY A 183 13.74 -23.97 18.04
C GLY A 183 14.19 -23.09 19.18
N ALA A 184 15.35 -23.36 19.79
CA ALA A 184 15.84 -22.51 20.85
C ALA A 184 16.12 -21.09 20.35
N THR A 185 15.96 -20.13 21.27
CA THR A 185 16.35 -18.74 21.05
C THR A 185 17.41 -18.37 22.09
N TYR A 186 18.34 -17.51 21.69
CA TYR A 186 19.50 -17.19 22.51
C TYR A 186 20.20 -15.98 21.90
N SER A 187 21.02 -15.33 22.70
CA SER A 187 21.89 -14.32 22.11
C SER A 187 22.90 -14.98 21.16
N PRO A 188 23.19 -14.36 20.01
CA PRO A 188 24.27 -14.91 19.16
C PRO A 188 25.62 -15.00 19.88
N THR A 189 25.80 -14.27 20.99
CA THR A 189 27.01 -14.47 21.78
C THR A 189 27.07 -15.85 22.43
N GLU A 190 25.98 -16.60 22.39
CA GLU A 190 25.93 -17.95 22.96
C GLU A 190 26.22 -19.01 21.92
N LEU A 191 26.34 -18.64 20.65
CA LEU A 191 26.66 -19.62 19.62
C LEU A 191 28.06 -20.19 19.88
N ILE A 192 28.18 -21.50 19.65
CA ILE A 192 29.45 -22.22 19.75
C ILE A 192 30.21 -22.07 18.44
N GLU A 193 31.50 -21.76 18.56
CA GLU A 193 32.39 -21.58 17.41
C GLU A 193 31.78 -20.63 16.40
N PRO A 194 31.51 -19.37 16.80
CA PRO A 194 30.83 -18.44 15.89
C PRO A 194 31.70 -18.04 14.72
N LYS A 195 31.05 -17.74 13.61
CA LYS A 195 31.72 -17.31 12.38
C LYS A 195 30.99 -16.12 11.78
N SER A 196 31.76 -15.17 11.24
CA SER A 196 31.17 -14.08 10.48
C SER A 196 30.59 -14.63 9.17
N VAL A 197 29.32 -14.32 8.91
CA VAL A 197 28.75 -14.61 7.59
C VAL A 197 29.45 -13.86 6.48
N VAL A 198 30.10 -12.74 6.82
CA VAL A 198 30.71 -11.91 5.78
C VAL A 198 32.06 -12.47 5.33
N SER A 199 32.90 -12.88 6.29
CA SER A 199 34.27 -13.25 5.99
C SER A 199 34.68 -14.63 6.47
N GLY A 200 33.90 -15.28 7.35
CA GLY A 200 34.30 -16.51 7.98
C GLY A 200 35.23 -16.35 9.16
N ALA A 201 35.63 -15.12 9.50
CA ALA A 201 36.44 -14.91 10.68
C ALA A 201 35.62 -15.15 11.96
N THR A 202 36.32 -15.46 13.03
CA THR A 202 35.69 -15.58 14.36
C THR A 202 35.41 -14.19 14.90
N PRO A 203 34.15 -13.83 15.15
CA PRO A 203 33.87 -12.49 15.68
C PRO A 203 34.21 -12.41 17.16
N VAL A 204 34.46 -11.18 17.63
CA VAL A 204 34.78 -10.92 19.02
C VAL A 204 33.90 -9.78 19.52
N MET A 205 33.75 -9.69 20.84
CA MET A 205 32.97 -8.59 21.42
C MET A 205 33.80 -7.30 21.41
N ARG A 206 33.19 -6.22 20.96
CA ARG A 206 33.84 -4.91 20.91
C ARG A 206 32.88 -3.84 21.41
N ASP A 207 33.41 -2.87 22.15
CA ASP A 207 32.60 -1.74 22.62
C ASP A 207 32.45 -0.66 21.56
N SER A 208 31.35 0.09 21.64
CA SER A 208 31.15 1.25 20.79
C SER A 208 30.15 2.20 21.43
N GLU A 209 30.42 3.51 21.31
CA GLU A 209 29.47 4.50 21.79
C GLU A 209 28.33 4.65 20.78
N HIS A 210 27.09 4.51 21.27
CA HIS A 210 25.91 4.70 20.46
C HIS A 210 25.04 5.82 21.01
N PHE A 211 24.21 6.36 20.13
CA PHE A 211 23.30 7.46 20.44
C PHE A 211 21.89 6.90 20.49
N PHE A 212 21.16 7.23 21.53
CA PHE A 212 19.84 6.66 21.79
C PHE A 212 18.82 7.77 21.83
N PHE A 213 17.66 7.52 21.23
CA PHE A 213 16.52 8.42 21.33
C PHE A 213 15.68 8.06 22.56
N ASP A 214 15.37 9.07 23.38
CA ASP A 214 14.70 8.85 24.66
C ASP A 214 13.19 8.78 24.49
N LEU A 215 12.73 7.74 23.79
CA LEU A 215 11.30 7.54 23.59
C LEU A 215 10.50 7.54 24.89
N PRO A 216 10.99 6.99 26.02
CA PRO A 216 10.17 6.97 27.24
C PRO A 216 9.72 8.33 27.70
N SER A 217 10.44 9.39 27.34
CA SER A 217 10.05 10.74 27.70
C SER A 217 8.71 11.14 27.11
N PHE A 218 8.24 10.45 26.07
CA PHE A 218 7.00 10.79 25.38
C PHE A 218 5.83 9.87 25.77
N SER A 219 6.01 9.04 26.80
CA SER A 219 5.00 8.03 27.12
C SER A 219 3.63 8.64 27.41
N GLU A 220 3.57 9.73 28.19
CA GLU A 220 2.24 10.27 28.53
C GLU A 220 1.53 10.81 27.30
N MET A 221 2.27 11.52 26.44
CA MET A 221 1.75 12.01 25.17
C MET A 221 1.20 10.87 24.32
N LEU A 222 1.96 9.76 24.25
CA LEU A 222 1.55 8.67 23.38
C LEU A 222 0.36 7.93 23.98
N GLN A 223 0.31 7.80 25.29
CA GLN A 223 -0.83 7.17 25.93
C GLN A 223 -2.10 7.98 25.69
N ALA A 224 -2.00 9.31 25.75
CA ALA A 224 -3.17 10.13 25.47
C ALA A 224 -3.66 9.91 24.04
N TRP A 225 -2.73 9.82 23.10
CA TRP A 225 -3.12 9.58 21.71
C TRP A 225 -3.83 8.24 21.58
N THR A 226 -3.30 7.21 22.25
CA THR A 226 -3.90 5.87 22.17
C THR A 226 -5.36 5.87 22.61
N ARG A 227 -5.70 6.61 23.66
CA ARG A 227 -7.07 6.59 24.15
C ARG A 227 -7.94 7.67 23.51
N SER A 228 -7.41 8.42 22.54
CA SER A 228 -8.18 9.48 21.91
C SER A 228 -9.30 8.94 21.01
N GLY A 229 -9.21 7.69 20.60
CA GLY A 229 -10.21 7.07 19.75
C GLY A 229 -9.98 7.20 18.25
N ALA A 230 -8.92 7.87 17.83
CA ALA A 230 -8.61 7.96 16.40
C ALA A 230 -8.14 6.61 15.86
N LEU A 231 -7.27 5.92 16.60
CA LEU A 231 -6.66 4.71 16.05
C LEU A 231 -7.67 3.58 16.04
N GLN A 232 -7.40 2.61 15.17
CA GLN A 232 -8.19 1.38 15.17
C GLN A 232 -8.16 0.72 16.54
N GLU A 233 -9.30 0.14 16.94
CA GLU A 233 -9.40 -0.47 18.26
C GLU A 233 -8.34 -1.55 18.47
N GLN A 234 -8.09 -2.39 17.46
CA GLN A 234 -7.08 -3.43 17.62
C GLN A 234 -5.67 -2.86 17.80
N VAL A 235 -5.39 -1.70 17.18
CA VAL A 235 -4.09 -1.07 17.31
C VAL A 235 -3.92 -0.50 18.71
N ALA A 236 -4.93 0.23 19.18
CA ALA A 236 -4.89 0.77 20.53
C ALA A 236 -4.69 -0.32 21.56
N ASN A 237 -5.36 -1.46 21.38
CA ASN A 237 -5.22 -2.54 22.33
C ASN A 237 -3.79 -3.06 22.37
N LYS A 238 -3.16 -3.19 21.20
CA LYS A 238 -1.76 -3.63 21.15
C LYS A 238 -0.84 -2.60 21.80
N MET A 239 -1.11 -1.31 21.57
CA MET A 239 -0.28 -0.28 22.20
C MET A 239 -0.32 -0.38 23.72
N GLN A 240 -1.47 -0.74 24.29
CA GLN A 240 -1.53 -0.89 25.75
C GLN A 240 -0.56 -1.98 26.23
N GLU A 241 -0.41 -3.07 25.47
CA GLU A 241 0.57 -4.08 25.81
C GLU A 241 1.98 -3.50 25.83
N TRP A 242 2.28 -2.65 24.85
CA TRP A 242 3.61 -2.06 24.75
C TRP A 242 3.88 -1.09 25.89
N PHE A 243 2.88 -0.28 26.27
CA PHE A 243 3.06 0.56 27.45
C PHE A 243 3.25 -0.26 28.70
N GLU A 244 2.53 -1.38 28.82
CA GLU A 244 2.64 -2.23 30.01
C GLU A 244 4.04 -2.84 30.12
N SER A 245 4.60 -3.29 29.00
CA SER A 245 5.96 -3.80 29.01
C SER A 245 6.96 -2.70 29.35
N GLY A 246 6.65 -1.46 28.99
CA GLY A 246 7.55 -0.35 29.21
C GLY A 246 8.26 0.07 27.95
N LEU A 247 8.21 1.36 27.61
CA LEU A 247 8.94 1.85 26.47
C LEU A 247 10.44 1.92 26.82
N GLN A 248 11.28 1.62 25.84
N GLN A 248 11.28 1.64 25.85
CA GLN A 248 12.73 1.65 25.95
CA GLN A 248 12.72 1.71 26.01
C GLN A 248 13.31 2.78 25.12
C GLN A 248 13.30 2.81 25.13
N GLN A 249 14.52 3.21 25.48
CA GLN A 249 15.29 4.06 24.58
C GLN A 249 15.63 3.26 23.33
N TRP A 250 15.73 3.93 22.19
N TRP A 250 15.94 3.98 22.26
CA TRP A 250 16.04 3.23 20.96
CA TRP A 250 16.02 3.43 20.91
C TRP A 250 17.33 3.74 20.35
C TRP A 250 17.34 3.80 20.27
N ASP A 251 18.17 2.80 19.96
CA ASP A 251 19.46 3.06 19.35
C ASP A 251 19.23 3.60 17.94
N ILE A 252 19.73 4.80 17.68
CA ILE A 252 19.54 5.42 16.38
C ILE A 252 20.86 5.66 15.63
N SER A 253 21.94 4.99 16.05
CA SER A 253 23.24 5.18 15.42
C SER A 253 23.85 3.83 15.02
N ARG A 254 24.71 3.90 14.02
CA ARG A 254 25.48 2.75 13.54
C ARG A 254 26.90 3.18 13.22
N ASP A 255 27.85 2.27 13.43
CA ASP A 255 29.25 2.54 13.14
C ASP A 255 29.58 2.32 11.67
N ALA A 256 30.56 3.07 11.19
CA ALA A 256 31.12 2.80 9.87
C ALA A 256 31.76 1.42 9.90
N PRO A 257 31.83 0.72 8.76
CA PRO A 257 31.31 1.10 7.44
C PRO A 257 29.79 0.97 7.38
N TYR A 258 29.13 1.87 6.69
CA TYR A 258 27.69 1.87 6.59
C TYR A 258 27.29 2.52 5.27
N PHE A 259 26.07 2.25 4.83
CA PHE A 259 25.47 2.98 3.71
C PHE A 259 24.30 3.79 4.27
N GLY A 260 24.53 5.08 4.43
CA GLY A 260 23.53 5.95 5.03
C GLY A 260 24.13 7.32 5.26
N PHE A 261 23.51 8.04 6.18
CA PHE A 261 23.84 9.43 6.48
C PHE A 261 24.76 9.51 7.67
N GLU A 262 25.88 10.20 7.49
CA GLU A 262 26.82 10.42 8.58
C GLU A 262 26.25 11.41 9.59
N ILE A 263 26.54 11.17 10.86
CA ILE A 263 26.00 12.02 11.92
C ILE A 263 26.90 13.24 12.07
N PRO A 264 26.36 14.45 12.01
CA PRO A 264 27.21 15.63 12.20
C PRO A 264 27.91 15.61 13.56
N ASN A 265 29.17 16.03 13.55
CA ASN A 265 30.01 16.13 14.73
C ASN A 265 30.36 14.77 15.35
N ALA A 266 30.06 13.67 14.67
CA ALA A 266 30.32 12.33 15.22
C ALA A 266 31.01 11.50 14.14
N PRO A 267 32.27 11.79 13.85
CA PRO A 267 32.98 11.04 12.79
C PRO A 267 32.88 9.55 13.03
N GLY A 268 32.63 8.81 11.94
CA GLY A 268 32.55 7.36 11.98
C GLY A 268 31.23 6.83 12.45
N LYS A 269 30.25 7.70 12.71
CA LYS A 269 28.91 7.32 13.10
C LYS A 269 27.90 7.74 12.03
N TYR A 270 26.87 6.90 11.87
CA TYR A 270 25.80 7.07 10.90
C TYR A 270 24.45 6.97 11.59
N PHE A 271 23.44 7.61 11.01
CA PHE A 271 22.08 7.36 11.46
C PHE A 271 21.63 5.95 11.07
N TYR A 272 21.08 5.23 12.05
CA TYR A 272 20.44 3.96 11.75
C TYR A 272 19.23 4.19 10.84
N VAL A 273 18.94 3.20 9.98
CA VAL A 273 17.92 3.37 8.96
C VAL A 273 16.57 3.71 9.57
N TRP A 274 16.28 3.15 10.76
N TRP A 274 16.24 3.20 10.73
CA TRP A 274 15.10 3.46 11.55
CA TRP A 274 14.88 3.51 11.15
C TRP A 274 14.83 4.94 11.52
C TRP A 274 14.75 4.91 11.75
N LEU A 275 15.85 5.69 11.92
CA LEU A 275 15.70 7.11 12.12
C LEU A 275 15.41 7.81 10.79
N ASP A 276 16.20 7.52 9.74
CA ASP A 276 16.05 8.27 8.49
C ASP A 276 14.90 7.78 7.63
N ALA A 277 14.37 6.59 7.86
CA ALA A 277 13.39 6.07 6.92
C ALA A 277 12.07 6.83 6.97
N PRO A 278 11.41 7.03 8.13
CA PRO A 278 10.16 7.81 8.13
C PRO A 278 10.39 9.28 7.82
N ILE A 279 11.56 9.82 8.15
CA ILE A 279 11.87 11.19 7.72
C ILE A 279 11.82 11.26 6.19
N GLY A 280 12.06 10.14 5.51
CA GLY A 280 11.90 10.09 4.06
C GLY A 280 10.49 10.40 3.57
N TYR A 281 9.46 10.25 4.42
CA TYR A 281 8.13 10.70 4.06
C TYR A 281 8.15 12.22 3.85
N MET A 282 8.80 12.91 4.78
CA MET A 282 9.00 14.35 4.67
C MET A 282 9.91 14.71 3.50
N GLY A 283 10.99 13.96 3.33
CA GLY A 283 11.89 14.25 2.23
C GLY A 283 11.20 14.07 0.89
N SER A 284 10.36 13.03 0.76
CA SER A 284 9.67 12.84 -0.50
C SER A 284 8.71 13.99 -0.79
N PHE A 285 8.02 14.48 0.24
CA PHE A 285 7.12 15.61 0.05
C PHE A 285 7.89 16.88 -0.27
N LYS A 286 9.01 17.12 0.42
CA LYS A 286 9.82 18.29 0.11
C LYS A 286 10.31 18.23 -1.33
N ASN A 287 10.72 17.06 -1.77
CA ASN A 287 11.16 16.90 -3.14
C ASN A 287 10.05 17.26 -4.12
N LEU A 288 8.83 16.80 -3.86
CA LEU A 288 7.70 17.10 -4.71
C LEU A 288 7.43 18.60 -4.75
N CYS A 289 7.44 19.26 -3.59
CA CYS A 289 7.25 20.70 -3.55
C CYS A 289 8.34 21.43 -4.32
N ASP A 290 9.60 21.03 -4.12
CA ASP A 290 10.71 21.71 -4.77
C ASP A 290 10.62 21.54 -6.29
N LYS A 291 10.26 20.33 -6.77
CA LYS A 291 10.13 20.15 -8.20
C LYS A 291 9.00 20.99 -8.79
N ARG A 292 7.92 21.18 -8.03
CA ARG A 292 6.78 21.99 -8.47
C ARG A 292 7.05 23.49 -8.36
N GLY A 293 8.18 23.89 -7.76
CA GLY A 293 8.40 25.30 -7.49
C GLY A 293 7.49 25.86 -6.42
N ASP A 294 7.01 25.01 -5.54
CA ASP A 294 6.02 25.35 -4.53
C ASP A 294 6.76 25.60 -3.22
N SER A 295 6.83 26.86 -2.80
CA SER A 295 7.63 27.26 -1.65
C SER A 295 6.83 27.36 -0.36
N VAL A 296 5.53 27.05 -0.38
CA VAL A 296 4.70 27.20 0.79
C VAL A 296 4.17 25.87 1.32
N SER A 297 3.94 24.87 0.45
CA SER A 297 3.15 23.73 0.91
C SER A 297 3.88 22.86 1.92
N PHE A 298 5.21 22.76 1.88
CA PHE A 298 5.87 21.90 2.84
C PHE A 298 5.57 22.35 4.27
N ASP A 299 5.76 23.64 4.56
CA ASP A 299 5.43 24.09 5.89
C ASP A 299 3.93 23.99 6.19
N GLU A 300 3.07 24.20 5.19
CA GLU A 300 1.63 24.12 5.43
C GLU A 300 1.23 22.72 5.88
N TYR A 301 1.97 21.70 5.45
CA TYR A 301 1.62 20.33 5.82
C TYR A 301 2.37 19.80 7.04
N TRP A 302 3.57 20.30 7.36
CA TRP A 302 4.39 19.69 8.39
C TRP A 302 4.61 20.55 9.63
N LYS A 303 4.29 21.83 9.57
CA LYS A 303 4.43 22.62 10.79
C LYS A 303 3.35 22.27 11.81
N LYS A 304 3.63 22.60 13.07
CA LYS A 304 2.76 22.17 14.16
C LYS A 304 1.35 22.73 14.02
N ASP A 305 1.20 23.91 13.42
CA ASP A 305 -0.11 24.55 13.30
C ASP A 305 -0.87 24.09 12.05
N SER A 306 -0.47 22.99 11.41
CA SER A 306 -1.05 22.60 10.14
C SER A 306 -2.52 22.23 10.29
N THR A 307 -3.32 22.65 9.30
CA THR A 307 -4.70 22.22 9.17
C THR A 307 -4.84 21.11 8.14
N ALA A 308 -3.73 20.67 7.53
CA ALA A 308 -3.78 19.53 6.61
C ALA A 308 -3.82 18.22 7.40
N GLU A 309 -4.34 17.18 6.75
CA GLU A 309 -4.38 15.86 7.33
C GLU A 309 -3.23 14.99 6.82
N LEU A 310 -2.68 14.18 7.72
CA LEU A 310 -1.57 13.28 7.44
C LEU A 310 -1.95 11.86 7.85
N TYR A 311 -1.97 10.95 6.87
CA TYR A 311 -2.33 9.56 7.08
C TYR A 311 -1.25 8.62 6.57
N HIS A 312 -0.94 7.59 7.35
CA HIS A 312 0.00 6.54 6.96
C HIS A 312 -0.74 5.22 6.85
N PHE A 313 -0.72 4.61 5.65
CA PHE A 313 -1.13 3.22 5.45
C PHE A 313 0.07 2.31 5.69
N ILE A 314 -0.10 1.36 6.61
CA ILE A 314 0.97 0.50 7.07
C ILE A 314 0.44 -0.90 7.40
N GLY A 315 1.37 -1.84 7.48
CA GLY A 315 1.09 -3.17 7.95
C GLY A 315 1.36 -3.38 9.43
N LYS A 316 0.96 -4.56 9.92
CA LYS A 316 1.09 -4.88 11.34
C LYS A 316 2.52 -4.76 11.85
N ASP A 317 3.51 -5.14 11.04
N ASP A 317 3.50 -5.14 11.03
CA ASP A 317 4.88 -5.17 11.52
CA ASP A 317 4.89 -5.17 11.48
C ASP A 317 5.50 -3.79 11.58
C ASP A 317 5.51 -3.79 11.55
N CYS A 318 4.79 -2.75 11.11
CA CYS A 318 5.26 -1.38 11.18
C CYS A 318 4.54 -0.55 12.23
N VAL A 319 3.66 -1.15 13.02
CA VAL A 319 2.80 -0.35 13.91
C VAL A 319 3.61 0.27 15.06
N TYR A 320 4.44 -0.52 15.75
CA TYR A 320 5.24 0.02 16.85
C TYR A 320 6.02 1.24 16.38
N PHE A 321 6.60 1.15 15.20
N PHE A 321 6.71 1.11 15.24
CA PHE A 321 7.46 2.19 14.70
CA PHE A 321 7.48 2.21 14.68
C PHE A 321 6.68 3.45 14.34
C PHE A 321 6.59 3.44 14.48
N HIS A 322 5.50 3.29 13.73
CA HIS A 322 4.73 4.45 13.29
C HIS A 322 3.84 5.04 14.37
N SER A 323 3.50 4.27 15.41
CA SER A 323 2.60 4.76 16.45
C SER A 323 3.33 5.25 17.69
N LEU A 324 4.59 4.87 17.89
CA LEU A 324 5.35 5.28 19.08
C LEU A 324 6.60 6.07 18.71
N PHE A 325 7.55 5.46 18.01
N PHE A 325 7.61 5.43 18.09
CA PHE A 325 8.81 6.10 17.72
CA PHE A 325 8.83 6.13 17.71
C PHE A 325 8.66 7.32 16.82
C PHE A 325 8.54 7.39 16.90
N TRP A 326 7.82 7.22 15.79
CA TRP A 326 7.68 8.31 14.83
C TRP A 326 6.96 9.53 15.39
N PRO A 327 5.78 9.41 16.02
CA PRO A 327 5.16 10.63 16.59
C PRO A 327 6.03 11.26 17.65
N ALA A 328 6.82 10.46 18.39
CA ALA A 328 7.71 11.03 19.41
C ALA A 328 8.80 11.85 18.76
N MET A 329 9.42 11.33 17.69
CA MET A 329 10.45 12.09 16.98
C MET A 329 9.90 13.42 16.46
N LEU A 330 8.71 13.40 15.87
CA LEU A 330 8.09 14.61 15.34
C LEU A 330 7.80 15.62 16.46
N GLU A 331 7.22 15.15 17.56
CA GLU A 331 6.98 16.03 18.71
C GLU A 331 8.28 16.65 19.18
N GLY A 332 9.31 15.83 19.34
CA GLY A 332 10.56 16.35 19.88
C GLY A 332 11.28 17.30 18.97
N SER A 333 10.91 17.37 17.69
CA SER A 333 11.58 18.25 16.73
C SER A 333 10.63 19.32 16.19
N ASN A 334 9.49 19.50 16.85
CA ASN A 334 8.60 20.64 16.61
C ASN A 334 7.89 20.53 15.26
N PHE A 335 7.56 19.32 14.86
CA PHE A 335 6.69 19.10 13.71
C PHE A 335 5.36 18.49 14.14
N ARG A 336 4.39 18.56 13.24
CA ARG A 336 3.08 17.96 13.48
C ARG A 336 3.19 16.44 13.39
N LYS A 337 2.20 15.76 13.95
CA LYS A 337 2.15 14.31 14.07
C LYS A 337 1.07 13.74 13.18
N PRO A 338 1.09 12.43 12.93
CA PRO A 338 0.08 11.86 12.06
C PRO A 338 -1.33 12.10 12.57
N SER A 339 -2.24 12.35 11.61
CA SER A 339 -3.66 12.45 11.93
C SER A 339 -4.23 11.08 12.28
N ASN A 340 -3.80 10.06 11.53
CA ASN A 340 -4.20 8.70 11.83
C ASN A 340 -3.23 7.72 11.17
N LEU A 341 -3.30 6.49 11.66
CA LEU A 341 -2.62 5.35 11.06
C LEU A 341 -3.71 4.40 10.60
N PHE A 342 -3.58 3.93 9.36
CA PHE A 342 -4.52 2.98 8.78
C PHE A 342 -3.77 1.65 8.59
N VAL A 343 -4.10 0.66 9.42
CA VAL A 343 -3.31 -0.58 9.47
C VAL A 343 -4.09 -1.69 8.81
N HIS A 344 -3.40 -2.49 8.01
CA HIS A 344 -3.97 -3.69 7.39
C HIS A 344 -3.23 -4.93 7.87
N GLY A 345 -3.86 -6.09 7.67
CA GLY A 345 -3.27 -7.36 8.00
C GLY A 345 -2.35 -7.89 6.90
N TYR A 346 -1.87 -9.11 7.11
CA TYR A 346 -1.01 -9.76 6.15
C TYR A 346 -1.82 -10.41 5.04
N VAL A 347 -1.18 -10.61 3.91
CA VAL A 347 -1.77 -11.36 2.81
C VAL A 347 -1.43 -12.83 3.00
N THR A 348 -2.43 -13.70 2.80
CA THR A 348 -2.21 -15.13 2.67
C THR A 348 -2.64 -15.53 1.28
N VAL A 349 -2.13 -16.66 0.80
CA VAL A 349 -2.55 -17.22 -0.47
C VAL A 349 -3.03 -18.63 -0.18
N ASN A 350 -4.24 -18.93 -0.62
CA ASN A 350 -4.92 -20.20 -0.33
C ASN A 350 -4.88 -20.53 1.17
N GLY A 351 -5.03 -19.50 2.00
CA GLY A 351 -5.20 -19.67 3.43
C GLY A 351 -3.93 -19.69 4.24
N ALA A 352 -2.75 -19.73 3.62
CA ALA A 352 -1.49 -19.82 4.35
C ALA A 352 -0.54 -18.73 3.90
N LYS A 353 0.45 -18.44 4.76
CA LYS A 353 1.54 -17.57 4.37
C LYS A 353 2.09 -17.98 3.00
N MET A 354 2.48 -16.98 2.21
CA MET A 354 3.08 -17.25 0.90
C MET A 354 4.22 -18.24 1.03
N SER A 355 4.27 -19.20 0.09
CA SER A 355 5.16 -20.33 0.14
C SER A 355 5.90 -20.45 -1.19
N LYS A 356 7.21 -20.27 -1.14
CA LYS A 356 8.01 -20.42 -2.37
C LYS A 356 7.87 -21.81 -2.97
N SER A 357 7.93 -22.85 -2.15
CA SER A 357 7.90 -24.20 -2.70
C SER A 357 6.57 -24.51 -3.37
N ARG A 358 5.48 -23.93 -2.89
CA ARG A 358 4.16 -24.14 -3.46
C ARG A 358 3.85 -23.16 -4.59
N GLY A 359 4.73 -22.21 -4.86
CA GLY A 359 4.47 -21.23 -5.90
C GLY A 359 3.47 -20.17 -5.56
N THR A 360 3.25 -19.93 -4.27
CA THR A 360 2.32 -18.89 -3.84
C THR A 360 3.05 -17.66 -3.33
N PHE A 361 4.37 -17.64 -3.36
CA PHE A 361 5.13 -16.41 -3.16
C PHE A 361 5.22 -15.75 -4.53
N ILE A 362 4.34 -14.79 -4.78
CA ILE A 362 4.08 -14.28 -6.13
C ILE A 362 4.55 -12.82 -6.21
N LYS A 363 5.43 -12.56 -7.16
CA LYS A 363 5.91 -11.22 -7.43
C LYS A 363 4.87 -10.42 -8.22
N ALA A 364 4.83 -9.12 -7.95
CA ALA A 364 3.94 -8.25 -8.70
C ALA A 364 4.23 -8.31 -10.21
N SER A 365 5.52 -8.32 -10.59
CA SER A 365 5.86 -8.42 -12.01
C SER A 365 5.32 -9.72 -12.61
N THR A 366 5.45 -10.83 -11.88
CA THR A 366 4.95 -12.10 -12.40
C THR A 366 3.44 -12.05 -12.58
N TRP A 367 2.73 -11.49 -11.60
CA TRP A 367 1.26 -11.39 -11.67
C TRP A 367 0.81 -10.80 -13.00
N LEU A 368 1.46 -9.73 -13.42
CA LEU A 368 1.02 -9.00 -14.60
C LEU A 368 1.31 -9.74 -15.92
N ASN A 369 2.15 -10.78 -15.89
CA ASN A 369 2.30 -11.62 -17.09
C ASN A 369 1.07 -12.50 -17.32
N HIS A 370 0.28 -12.74 -16.28
CA HIS A 370 -0.85 -13.66 -16.32
C HIS A 370 -2.21 -12.99 -16.24
N PHE A 371 -2.33 -11.93 -15.43
CA PHE A 371 -3.59 -11.26 -15.19
C PHE A 371 -3.39 -9.77 -15.30
N ASP A 372 -4.51 -9.04 -15.41
CA ASP A 372 -4.39 -7.59 -15.35
C ASP A 372 -4.37 -7.11 -13.90
N ALA A 373 -4.10 -5.81 -13.76
CA ALA A 373 -4.06 -5.21 -12.43
C ALA A 373 -5.45 -5.09 -11.80
N ASP A 374 -6.46 -4.74 -12.61
CA ASP A 374 -7.82 -4.55 -12.11
C ASP A 374 -8.36 -5.78 -11.38
N SER A 375 -8.02 -6.98 -11.85
CA SER A 375 -8.54 -8.19 -11.22
C SER A 375 -8.11 -8.31 -9.76
N LEU A 376 -6.85 -8.03 -9.49
CA LEU A 376 -6.33 -8.11 -8.14
C LEU A 376 -6.82 -6.93 -7.30
N ARG A 377 -6.87 -5.74 -7.90
CA ARG A 377 -7.42 -4.58 -7.19
C ARG A 377 -8.83 -4.87 -6.72
N TYR A 378 -9.67 -5.39 -7.60
CA TYR A 378 -11.04 -5.76 -7.24
C TYR A 378 -11.06 -6.78 -6.11
N TYR A 379 -10.33 -7.90 -6.28
CA TYR A 379 -10.41 -8.97 -5.30
C TYR A 379 -10.01 -8.50 -3.91
N TYR A 380 -8.89 -7.79 -3.82
CA TYR A 380 -8.44 -7.23 -2.54
C TYR A 380 -9.49 -6.30 -1.97
N THR A 381 -10.01 -5.40 -2.81
CA THR A 381 -11.00 -4.44 -2.34
C THR A 381 -12.22 -5.13 -1.78
N ALA A 382 -12.66 -6.22 -2.42
CA ALA A 382 -13.83 -6.92 -1.94
C ALA A 382 -13.62 -7.59 -0.59
N LYS A 383 -12.35 -7.91 -0.22
CA LYS A 383 -12.02 -8.54 1.04
C LYS A 383 -11.61 -7.55 2.14
N LEU A 384 -11.30 -6.30 1.78
CA LEU A 384 -10.74 -5.38 2.76
C LEU A 384 -11.81 -4.76 3.66
N SER A 385 -11.39 -4.40 4.87
CA SER A 385 -12.26 -3.73 5.81
C SER A 385 -11.44 -2.70 6.59
N SER A 386 -12.10 -2.06 7.55
CA SER A 386 -11.42 -1.11 8.43
C SER A 386 -10.69 -1.80 9.58
N ARG A 387 -10.69 -3.11 9.65
CA ARG A 387 -10.03 -3.83 10.71
C ARG A 387 -8.65 -4.30 10.25
N ILE A 388 -7.90 -4.84 11.20
CA ILE A 388 -6.62 -5.47 10.91
C ILE A 388 -6.80 -6.98 10.94
N ASP A 389 -7.48 -7.52 9.97
CA ASP A 389 -7.51 -8.96 9.78
C ASP A 389 -6.70 -9.30 8.54
N ASP A 390 -6.07 -10.47 8.55
CA ASP A 390 -5.38 -10.91 7.35
C ASP A 390 -6.35 -11.04 6.18
N ILE A 391 -5.81 -10.89 4.97
CA ILE A 391 -6.57 -10.89 3.72
C ILE A 391 -6.10 -12.10 2.92
N ASP A 392 -7.05 -12.97 2.55
CA ASP A 392 -6.73 -14.23 1.89
C ASP A 392 -7.00 -14.12 0.40
N LEU A 393 -5.97 -14.36 -0.41
CA LEU A 393 -6.14 -14.54 -1.85
C LEU A 393 -6.33 -16.04 -2.09
N ASN A 394 -7.58 -16.48 -2.16
CA ASN A 394 -7.87 -17.86 -2.55
C ASN A 394 -7.99 -17.89 -4.06
N LEU A 395 -7.10 -18.63 -4.72
CA LEU A 395 -6.97 -18.48 -6.18
C LEU A 395 -8.16 -19.07 -6.92
N GLU A 396 -8.75 -20.16 -6.43
CA GLU A 396 -9.99 -20.66 -7.00
C GLU A 396 -11.10 -19.62 -6.87
N ASP A 397 -11.22 -19.02 -5.70
CA ASP A 397 -12.24 -18.00 -5.45
C ASP A 397 -11.99 -16.75 -6.29
N PHE A 398 -10.71 -16.42 -6.51
CA PHE A 398 -10.34 -15.29 -7.36
C PHE A 398 -10.93 -15.42 -8.76
N VAL A 399 -10.81 -16.61 -9.37
CA VAL A 399 -11.38 -16.82 -10.70
C VAL A 399 -12.90 -16.70 -10.66
N GLN A 400 -13.53 -17.38 -9.69
CA GLN A 400 -14.98 -17.36 -9.60
C GLN A 400 -15.51 -15.96 -9.39
N ARG A 401 -14.86 -15.19 -8.51
CA ARG A 401 -15.42 -13.90 -8.13
C ARG A 401 -15.22 -12.85 -9.22
N VAL A 402 -14.06 -12.84 -9.86
CA VAL A 402 -13.82 -11.90 -10.95
C VAL A 402 -14.81 -12.14 -12.08
N ASN A 403 -14.98 -13.41 -12.47
CA ASN A 403 -15.94 -13.71 -13.54
C ASN A 403 -17.38 -13.40 -13.12
N ALA A 404 -17.75 -13.77 -11.89
CA ALA A 404 -19.11 -13.56 -11.44
C ALA A 404 -19.45 -12.08 -11.34
N ASP A 405 -18.55 -11.29 -10.74
CA ASP A 405 -18.88 -9.92 -10.39
C ASP A 405 -18.52 -8.92 -11.49
N ILE A 406 -17.32 -9.01 -12.04
CA ILE A 406 -16.88 -8.05 -13.04
C ILE A 406 -17.50 -8.36 -14.39
N VAL A 407 -17.31 -9.60 -14.89
CA VAL A 407 -17.79 -9.95 -16.22
C VAL A 407 -19.32 -10.08 -16.24
N ASN A 408 -19.87 -10.79 -15.28
CA ASN A 408 -21.27 -11.20 -15.36
C ASN A 408 -22.26 -10.30 -14.66
N LYS A 409 -21.82 -9.43 -13.77
CA LYS A 409 -22.73 -8.47 -13.14
C LYS A 409 -22.55 -7.06 -13.72
N VAL A 410 -21.36 -6.51 -13.61
CA VAL A 410 -21.19 -5.09 -13.90
C VAL A 410 -21.00 -4.88 -15.41
N VAL A 411 -20.00 -5.54 -15.98
CA VAL A 411 -19.71 -5.31 -17.39
C VAL A 411 -20.85 -5.86 -18.25
N ASN A 412 -21.59 -6.85 -17.74
CA ASN A 412 -22.73 -7.42 -18.45
C ASN A 412 -23.78 -6.38 -18.80
N LEU A 413 -23.97 -5.39 -17.93
CA LEU A 413 -24.95 -4.34 -18.24
C LEU A 413 -24.57 -3.54 -19.47
N ALA A 414 -23.27 -3.33 -19.71
CA ALA A 414 -22.87 -2.71 -20.97
C ALA A 414 -22.92 -3.70 -22.14
N SER A 415 -22.33 -4.88 -21.98
CA SER A 415 -22.19 -5.78 -23.11
C SER A 415 -23.52 -6.33 -23.61
N ARG A 416 -24.51 -6.51 -22.74
CA ARG A 416 -25.76 -7.09 -23.22
C ARG A 416 -26.64 -6.04 -23.92
N ASN A 417 -26.35 -4.76 -23.73
CA ASN A 417 -27.22 -3.68 -24.22
C ASN A 417 -26.60 -2.81 -25.32
N ALA A 418 -25.28 -2.72 -25.38
CA ALA A 418 -24.62 -1.78 -26.28
C ALA A 418 -24.84 -2.13 -27.76
N GLY A 419 -24.87 -3.43 -28.07
CA GLY A 419 -25.00 -3.84 -29.46
C GLY A 419 -26.27 -3.36 -30.11
N PHE A 420 -27.41 -3.54 -29.43
CA PHE A 420 -28.67 -3.05 -29.96
C PHE A 420 -28.62 -1.54 -30.19
N ILE A 421 -28.06 -0.81 -29.23
CA ILE A 421 -28.01 0.64 -29.36
C ILE A 421 -27.18 1.02 -30.58
N ASN A 422 -26.02 0.39 -30.73
CA ASN A 422 -25.14 0.75 -31.84
C ASN A 422 -25.73 0.32 -33.20
N LYS A 423 -26.38 -0.84 -33.25
CA LYS A 423 -26.80 -1.37 -34.55
C LYS A 423 -28.17 -0.91 -34.97
N ARG A 424 -29.10 -0.68 -34.05
N ARG A 424 -29.10 -0.69 -34.04
CA ARG A 424 -30.45 -0.32 -34.43
CA ARG A 424 -30.46 -0.32 -34.43
C ARG A 424 -30.80 1.13 -34.17
C ARG A 424 -30.77 1.15 -34.22
N PHE A 425 -30.03 1.85 -33.35
CA PHE A 425 -30.34 3.22 -32.98
C PHE A 425 -29.16 4.15 -33.19
N ASP A 426 -28.22 3.79 -34.09
CA ASP A 426 -27.14 4.68 -34.50
C ASP A 426 -26.30 5.16 -33.32
N GLY A 427 -26.24 4.34 -32.27
CA GLY A 427 -25.47 4.66 -31.10
C GLY A 427 -26.10 5.65 -30.15
N VAL A 428 -27.38 5.97 -30.32
CA VAL A 428 -28.01 7.05 -29.57
C VAL A 428 -28.90 6.48 -28.48
N LEU A 429 -28.66 6.92 -27.24
CA LEU A 429 -29.48 6.52 -26.11
C LEU A 429 -30.82 7.28 -26.09
N ALA A 430 -31.82 6.65 -25.49
CA ALA A 430 -33.17 7.20 -25.39
C ALA A 430 -33.19 8.60 -24.77
N SER A 431 -34.23 9.35 -25.09
CA SER A 431 -34.39 10.73 -24.61
C SER A 431 -34.89 10.85 -23.18
N GLU A 432 -35.38 9.76 -22.57
CA GLU A 432 -35.81 9.77 -21.18
C GLU A 432 -35.50 8.41 -20.55
N LEU A 433 -35.37 8.41 -19.22
CA LEU A 433 -35.22 7.18 -18.46
C LEU A 433 -36.50 6.35 -18.51
N ALA A 434 -36.35 5.06 -18.82
CA ALA A 434 -37.51 4.17 -18.80
C ALA A 434 -38.04 3.93 -17.38
N ASP A 435 -37.17 3.97 -16.38
CA ASP A 435 -37.54 3.63 -15.00
C ASP A 435 -36.86 4.60 -14.06
N PRO A 436 -37.42 5.81 -13.95
CA PRO A 436 -36.78 6.83 -13.09
C PRO A 436 -36.69 6.42 -11.63
N GLN A 437 -37.66 5.64 -11.14
CA GLN A 437 -37.61 5.21 -9.75
C GLN A 437 -36.42 4.30 -9.50
N LEU A 438 -36.16 3.36 -10.41
CA LEU A 438 -35.00 2.49 -10.26
C LEU A 438 -33.72 3.30 -10.32
N TYR A 439 -33.65 4.28 -11.24
CA TYR A 439 -32.46 5.12 -11.33
C TYR A 439 -32.22 5.85 -10.02
N LYS A 440 -33.29 6.36 -9.39
CA LYS A 440 -33.11 7.05 -8.12
C LYS A 440 -32.59 6.13 -7.05
N THR A 441 -33.03 4.86 -7.04
CA THR A 441 -32.52 3.90 -6.07
C THR A 441 -31.00 3.81 -6.20
N PHE A 442 -30.49 3.87 -7.44
CA PHE A 442 -29.06 3.75 -7.69
C PHE A 442 -28.31 5.00 -7.23
N THR A 443 -28.84 6.19 -7.53
CA THR A 443 -28.14 7.41 -7.14
C THR A 443 -28.29 7.68 -5.65
N ASP A 444 -29.39 7.22 -5.04
CA ASP A 444 -29.58 7.38 -3.59
C ASP A 444 -28.52 6.63 -2.79
N ALA A 445 -27.94 5.58 -3.36
CA ALA A 445 -26.93 4.80 -2.68
C ALA A 445 -25.57 5.48 -2.60
N ALA A 446 -25.39 6.60 -3.30
CA ALA A 446 -24.08 7.25 -3.36
C ALA A 446 -23.58 7.62 -1.96
N GLU A 447 -24.47 8.08 -1.07
CA GLU A 447 -24.03 8.50 0.25
C GLU A 447 -23.40 7.34 1.04
N VAL A 448 -24.10 6.21 1.11
CA VAL A 448 -23.61 5.07 1.88
C VAL A 448 -22.36 4.47 1.25
N ILE A 449 -22.31 4.40 -0.08
CA ILE A 449 -21.15 3.86 -0.76
C ILE A 449 -19.93 4.76 -0.54
N GLY A 450 -20.11 6.08 -0.71
CA GLY A 450 -19.02 6.99 -0.49
C GLY A 450 -18.54 6.96 0.95
N GLU A 451 -19.47 6.86 1.90
CA GLU A 451 -19.08 6.77 3.29
C GLU A 451 -18.30 5.48 3.55
N ALA A 452 -18.65 4.42 2.82
CA ALA A 452 -17.90 3.18 2.98
C ALA A 452 -16.49 3.29 2.40
N TRP A 453 -16.33 3.97 1.25
CA TRP A 453 -14.99 4.22 0.74
C TRP A 453 -14.20 5.08 1.74
N GLU A 454 -14.84 6.14 2.26
CA GLU A 454 -14.19 7.07 3.17
C GLU A 454 -13.68 6.38 4.43
N SER A 455 -14.46 5.48 5.00
CA SER A 455 -14.15 4.80 6.25
C SER A 455 -13.30 3.55 6.05
N ARG A 456 -12.92 3.23 4.81
CA ARG A 456 -12.10 2.08 4.47
C ARG A 456 -12.85 0.76 4.64
N GLU A 457 -14.19 0.83 4.68
CA GLU A 457 -15.06 -0.36 4.67
C GLU A 457 -15.28 -0.78 3.21
N PHE A 458 -14.17 -1.21 2.60
CA PHE A 458 -14.17 -1.50 1.17
C PHE A 458 -15.09 -2.68 0.83
N GLY A 459 -15.02 -3.75 1.61
CA GLY A 459 -15.92 -4.87 1.38
C GLY A 459 -17.39 -4.47 1.45
N LYS A 460 -17.74 -3.58 2.36
CA LYS A 460 -19.09 -3.07 2.45
C LYS A 460 -19.49 -2.32 1.17
N ALA A 461 -18.61 -1.44 0.69
CA ALA A 461 -18.89 -0.71 -0.54
C ALA A 461 -19.12 -1.66 -1.70
N VAL A 462 -18.25 -2.67 -1.84
CA VAL A 462 -18.39 -3.62 -2.95
C VAL A 462 -19.68 -4.42 -2.82
N ARG A 463 -20.03 -4.82 -1.59
CA ARG A 463 -21.29 -5.56 -1.40
C ARG A 463 -22.48 -4.72 -1.83
N GLU A 464 -22.49 -3.44 -1.44
CA GLU A 464 -23.57 -2.55 -1.85
C GLU A 464 -23.59 -2.36 -3.37
N ILE A 465 -22.44 -2.18 -4.00
CA ILE A 465 -22.39 -2.01 -5.44
C ILE A 465 -22.91 -3.26 -6.15
N MET A 466 -22.48 -4.44 -5.70
CA MET A 466 -22.91 -5.65 -6.38
C MET A 466 -24.39 -5.94 -6.14
N ALA A 467 -24.92 -5.55 -4.97
CA ALA A 467 -26.36 -5.66 -4.77
C ALA A 467 -27.13 -4.80 -5.78
N LEU A 468 -26.64 -3.60 -6.03
CA LEU A 468 -27.21 -2.77 -7.08
C LEU A 468 -27.07 -3.45 -8.44
N ALA A 469 -25.90 -4.04 -8.72
CA ALA A 469 -25.67 -4.71 -9.99
C ALA A 469 -26.68 -5.84 -10.19
N ASP A 470 -27.00 -6.55 -9.10
CA ASP A 470 -28.02 -7.61 -9.19
C ASP A 470 -29.38 -7.02 -9.53
N LEU A 471 -29.74 -5.88 -8.92
CA LEU A 471 -31.00 -5.24 -9.25
C LEU A 471 -31.05 -4.83 -10.72
N ALA A 472 -29.94 -4.30 -11.22
CA ALA A 472 -29.88 -3.86 -12.61
C ALA A 472 -30.06 -5.02 -13.56
N ASN A 473 -29.43 -6.16 -13.28
CA ASN A 473 -29.59 -7.30 -14.19
C ASN A 473 -30.96 -7.92 -14.03
N ARG A 474 -31.57 -7.81 -12.84
CA ARG A 474 -32.95 -8.24 -12.68
C ARG A 474 -33.91 -7.38 -13.50
N TYR A 475 -33.69 -6.06 -13.53
CA TYR A 475 -34.47 -5.19 -14.39
C TYR A 475 -34.37 -5.63 -15.85
N VAL A 476 -33.14 -5.88 -16.35
CA VAL A 476 -32.99 -6.23 -17.76
C VAL A 476 -33.65 -7.59 -18.03
N ASP A 477 -33.46 -8.54 -17.12
CA ASP A 477 -34.14 -9.84 -17.26
C ASP A 477 -35.66 -9.68 -17.34
N GLU A 478 -36.22 -8.84 -16.46
CA GLU A 478 -37.66 -8.61 -16.46
C GLU A 478 -38.13 -8.01 -17.78
N GLN A 479 -37.34 -7.12 -18.39
CA GLN A 479 -37.73 -6.50 -19.63
C GLN A 479 -37.46 -7.37 -20.84
N ALA A 480 -36.58 -8.36 -20.69
CA ALA A 480 -36.32 -9.36 -21.73
C ALA A 480 -36.01 -8.76 -23.09
N PRO A 481 -34.92 -8.01 -23.23
CA PRO A 481 -34.61 -7.40 -24.53
C PRO A 481 -34.39 -8.42 -25.65
N TRP A 482 -33.92 -9.64 -25.34
CA TRP A 482 -33.77 -10.67 -26.37
C TRP A 482 -35.09 -11.12 -26.97
N VAL A 483 -36.20 -10.87 -26.27
CA VAL A 483 -37.55 -11.11 -26.80
C VAL A 483 -38.06 -9.87 -27.52
N VAL A 484 -37.94 -8.69 -26.88
CA VAL A 484 -38.43 -7.45 -27.48
C VAL A 484 -37.79 -7.23 -28.85
N ALA A 485 -36.52 -7.59 -28.99
CA ALA A 485 -35.76 -7.30 -30.20
C ALA A 485 -36.34 -8.00 -31.43
N LYS A 486 -37.04 -9.12 -31.24
CA LYS A 486 -37.55 -9.88 -32.38
C LYS A 486 -39.01 -9.56 -32.70
N GLN A 487 -39.65 -8.68 -31.95
CA GLN A 487 -41.09 -8.45 -32.04
C GLN A 487 -41.37 -7.19 -32.83
N GLU A 488 -42.25 -7.32 -33.82
N GLU A 488 -42.22 -7.32 -33.84
CA GLU A 488 -42.55 -6.22 -34.74
CA GLU A 488 -42.54 -6.22 -34.74
C GLU A 488 -43.02 -4.97 -33.98
C GLU A 488 -43.04 -4.98 -34.00
N GLY A 489 -42.48 -3.82 -34.37
CA GLY A 489 -42.93 -2.55 -33.87
C GLY A 489 -42.46 -2.16 -32.48
N ARG A 490 -41.56 -2.93 -31.87
CA ARG A 490 -41.12 -2.65 -30.50
C ARG A 490 -39.74 -1.99 -30.44
N ASP A 491 -39.36 -1.27 -31.49
CA ASP A 491 -38.06 -0.61 -31.51
C ASP A 491 -37.91 0.37 -30.35
N ALA A 492 -38.95 1.17 -30.10
CA ALA A 492 -38.86 2.17 -29.03
C ALA A 492 -38.65 1.50 -27.69
N ASP A 493 -39.42 0.43 -27.40
CA ASP A 493 -39.24 -0.33 -26.16
C ASP A 493 -37.81 -0.83 -26.05
N LEU A 494 -37.25 -1.37 -27.13
CA LEU A 494 -35.90 -1.91 -27.06
C LEU A 494 -34.89 -0.81 -26.72
N GLN A 495 -34.98 0.33 -27.40
CA GLN A 495 -34.06 1.43 -27.11
C GLN A 495 -34.20 1.87 -25.66
N ALA A 496 -35.44 1.90 -25.16
CA ALA A 496 -35.67 2.31 -23.77
C ALA A 496 -34.99 1.36 -22.78
N ILE A 497 -35.22 0.06 -22.95
CA ILE A 497 -34.64 -0.93 -22.04
C ILE A 497 -33.12 -0.85 -22.05
N CYS A 498 -32.54 -0.86 -23.25
CA CYS A 498 -31.11 -0.93 -23.38
C CYS A 498 -30.44 0.34 -22.89
N SER A 499 -31.09 1.48 -23.07
CA SER A 499 -30.54 2.74 -22.56
C SER A 499 -30.59 2.78 -21.04
N MET A 500 -31.65 2.22 -20.45
CA MET A 500 -31.74 2.15 -19.00
C MET A 500 -30.61 1.31 -18.44
N GLY A 501 -30.35 0.16 -19.05
CA GLY A 501 -29.26 -0.68 -18.60
C GLY A 501 -27.92 0.03 -18.65
N ILE A 502 -27.67 0.79 -19.73
CA ILE A 502 -26.41 1.51 -19.89
C ILE A 502 -26.28 2.62 -18.86
N ASN A 503 -27.38 3.33 -18.55
CA ASN A 503 -27.32 4.33 -17.49
C ASN A 503 -27.04 3.71 -16.11
N LEU A 504 -27.58 2.52 -15.83
CA LEU A 504 -27.27 1.86 -14.57
C LEU A 504 -25.79 1.46 -14.52
N PHE A 505 -25.25 1.02 -15.67
CA PHE A 505 -23.82 0.74 -15.79
C PHE A 505 -22.99 1.99 -15.51
N ARG A 506 -23.42 3.14 -16.04
CA ARG A 506 -22.68 4.39 -15.80
C ARG A 506 -22.56 4.65 -14.31
N VAL A 507 -23.65 4.45 -13.57
CA VAL A 507 -23.60 4.71 -12.13
C VAL A 507 -22.67 3.73 -11.44
N LEU A 508 -22.78 2.43 -11.76
CA LEU A 508 -21.96 1.46 -11.06
C LEU A 508 -20.47 1.67 -11.33
N MET A 509 -20.13 2.04 -12.57
CA MET A 509 -18.73 2.27 -12.90
C MET A 509 -18.20 3.51 -12.20
N THR A 510 -19.07 4.47 -11.90
CA THR A 510 -18.64 5.61 -11.11
C THR A 510 -18.25 5.17 -9.70
N TYR A 511 -19.10 4.34 -9.08
CA TYR A 511 -18.84 3.86 -7.75
C TYR A 511 -17.58 3.00 -7.69
N LEU A 512 -17.28 2.29 -8.79
CA LEU A 512 -16.10 1.45 -8.88
C LEU A 512 -14.88 2.13 -9.45
N LYS A 513 -14.98 3.39 -9.85
CA LYS A 513 -13.87 4.08 -10.46
C LYS A 513 -12.61 4.10 -9.58
N PRO A 514 -12.69 4.29 -8.26
CA PRO A 514 -11.45 4.16 -7.45
C PRO A 514 -10.82 2.79 -7.51
N VAL A 515 -11.60 1.75 -7.85
CA VAL A 515 -11.15 0.38 -7.75
C VAL A 515 -10.52 -0.11 -9.04
N LEU A 516 -11.12 0.22 -10.18
CA LEU A 516 -10.80 -0.36 -11.47
C LEU A 516 -10.41 0.71 -12.47
N PRO A 517 -9.21 1.28 -12.35
CA PRO A 517 -8.88 2.45 -13.21
C PRO A 517 -8.89 2.14 -14.70
N LYS A 518 -8.40 0.98 -15.14
CA LYS A 518 -8.32 0.74 -16.57
C LYS A 518 -9.67 0.38 -17.16
N LEU A 519 -10.44 -0.49 -16.48
CA LEU A 519 -11.80 -0.75 -16.92
C LEU A 519 -12.59 0.54 -16.99
N THR A 520 -12.35 1.45 -16.04
CA THR A 520 -13.07 2.71 -16.05
C THR A 520 -12.73 3.55 -17.28
N GLU A 521 -11.44 3.61 -17.66
CA GLU A 521 -11.05 4.29 -18.88
C GLU A 521 -11.77 3.71 -20.10
N ARG A 522 -11.87 2.38 -20.18
CA ARG A 522 -12.59 1.77 -21.29
C ARG A 522 -14.08 2.09 -21.23
N ALA A 523 -14.65 2.15 -20.03
CA ALA A 523 -16.05 2.52 -19.88
C ALA A 523 -16.29 3.97 -20.29
N GLU A 524 -15.37 4.88 -19.92
CA GLU A 524 -15.52 6.29 -20.30
C GLU A 524 -15.40 6.48 -21.81
N ALA A 525 -14.56 5.68 -22.48
CA ALA A 525 -14.45 5.73 -23.92
C ALA A 525 -15.76 5.29 -24.59
N PHE A 526 -16.36 4.20 -24.09
CA PHE A 526 -17.66 3.74 -24.60
C PHE A 526 -18.74 4.79 -24.39
N LEU A 527 -18.79 5.35 -23.18
CA LEU A 527 -19.86 6.25 -22.79
C LEU A 527 -19.67 7.65 -23.32
N ASN A 528 -18.49 7.96 -23.86
CA ASN A 528 -18.18 9.31 -24.31
C ASN A 528 -18.33 10.33 -23.18
N THR A 529 -17.90 9.94 -21.99
CA THR A 529 -17.96 10.88 -20.89
C THR A 529 -17.02 10.47 -19.77
N GLU A 530 -16.41 11.46 -19.15
CA GLU A 530 -15.71 11.26 -17.89
C GLU A 530 -16.72 10.96 -16.80
N LEU A 531 -16.39 9.99 -15.94
CA LEU A 531 -17.24 9.65 -14.82
C LEU A 531 -16.82 10.49 -13.61
N THR A 532 -17.73 11.32 -13.13
CA THR A 532 -17.56 12.06 -11.89
C THR A 532 -18.58 11.63 -10.85
N TRP A 533 -18.24 11.80 -9.58
CA TRP A 533 -19.13 11.39 -8.50
C TRP A 533 -20.49 12.08 -8.59
N ASP A 534 -20.49 13.41 -8.81
CA ASP A 534 -21.75 14.14 -8.88
C ASP A 534 -22.48 13.97 -10.21
N GLY A 535 -21.76 13.55 -11.26
CA GLY A 535 -22.34 13.45 -12.59
C GLY A 535 -23.48 12.46 -12.67
N ILE A 536 -23.53 11.50 -11.75
CA ILE A 536 -24.58 10.48 -11.81
C ILE A 536 -25.97 11.10 -11.64
N GLN A 537 -26.06 12.29 -11.07
CA GLN A 537 -27.37 12.91 -10.91
C GLN A 537 -28.02 13.33 -12.21
N GLN A 538 -27.26 13.38 -13.30
CA GLN A 538 -27.78 13.66 -14.64
C GLN A 538 -27.56 12.44 -15.52
N PRO A 539 -28.58 11.64 -15.82
CA PRO A 539 -28.35 10.49 -16.70
C PRO A 539 -27.99 10.93 -18.11
N LEU A 540 -27.45 9.95 -18.86
CA LEU A 540 -27.13 10.14 -20.26
C LEU A 540 -28.40 9.94 -21.09
N LEU A 541 -28.90 11.05 -21.66
CA LEU A 541 -30.12 11.11 -22.46
C LEU A 541 -29.86 11.73 -23.82
N GLY A 542 -30.41 11.13 -24.87
CA GLY A 542 -30.19 11.66 -26.21
C GLY A 542 -28.72 11.82 -26.51
N HIS A 543 -27.96 10.77 -26.21
CA HIS A 543 -26.52 10.82 -26.03
C HIS A 543 -25.88 9.70 -26.83
N LYS A 544 -24.83 10.05 -27.58
CA LYS A 544 -24.14 9.11 -28.45
C LYS A 544 -23.08 8.32 -27.69
N VAL A 545 -23.13 7.00 -27.80
CA VAL A 545 -22.11 6.13 -27.23
C VAL A 545 -21.32 5.54 -28.40
N ASN A 546 -20.14 4.98 -28.09
CA ASN A 546 -19.23 4.42 -29.06
C ASN A 546 -19.23 2.90 -29.02
N PRO A 547 -18.93 2.25 -30.14
CA PRO A 547 -18.73 0.80 -30.12
C PRO A 547 -17.53 0.45 -29.28
N PHE A 548 -17.53 -0.77 -28.76
CA PHE A 548 -16.36 -1.28 -28.09
C PHE A 548 -16.24 -2.75 -28.41
N LYS A 549 -15.03 -3.25 -28.32
CA LYS A 549 -14.85 -4.68 -28.19
C LYS A 549 -14.62 -4.98 -26.71
N ALA A 550 -14.70 -6.25 -26.38
CA ALA A 550 -14.73 -6.74 -25.02
C ALA A 550 -14.17 -5.78 -23.99
N LEU A 551 -15.04 -5.31 -23.10
CA LEU A 551 -14.58 -4.46 -22.01
C LEU A 551 -13.79 -5.26 -20.98
N TYR A 552 -14.12 -6.54 -20.80
CA TYR A 552 -13.48 -7.36 -19.77
C TYR A 552 -13.74 -8.83 -20.05
N ASN A 553 -12.69 -9.61 -20.26
CA ASN A 553 -12.85 -11.02 -20.60
C ASN A 553 -12.77 -11.92 -19.35
N ARG A 554 -13.34 -13.12 -19.48
CA ARG A 554 -13.26 -14.12 -18.41
C ARG A 554 -11.84 -14.61 -18.18
N ILE A 555 -11.57 -15.06 -16.95
CA ILE A 555 -10.34 -15.78 -16.63
C ILE A 555 -10.69 -17.23 -16.26
N ASP A 556 -9.65 -18.03 -16.06
CA ASP A 556 -9.86 -19.44 -15.76
C ASP A 556 -8.71 -20.02 -14.95
N MET A 557 -8.95 -21.21 -14.39
CA MET A 557 -7.98 -21.84 -13.50
C MET A 557 -6.73 -22.30 -14.22
N ARG A 558 -6.76 -22.48 -15.55
CA ARG A 558 -5.52 -22.77 -16.26
C ARG A 558 -4.52 -21.63 -16.11
N GLN A 559 -5.02 -20.40 -16.10
CA GLN A 559 -4.15 -19.24 -15.93
C GLN A 559 -3.59 -19.18 -14.50
N VAL A 560 -4.42 -19.51 -13.51
CA VAL A 560 -3.94 -19.61 -12.14
C VAL A 560 -2.86 -20.67 -12.03
N GLU A 561 -3.08 -21.83 -12.65
CA GLU A 561 -2.05 -22.86 -12.56
C GLU A 561 -0.74 -22.41 -13.19
N ALA A 562 -0.80 -21.61 -14.26
CA ALA A 562 0.41 -21.12 -14.91
C ALA A 562 1.14 -20.11 -14.04
N LEU A 563 0.38 -19.25 -13.36
CA LEU A 563 0.96 -18.29 -12.44
C LEU A 563 1.73 -18.98 -11.33
N VAL A 564 1.12 -20.03 -10.74
CA VAL A 564 1.74 -20.77 -9.65
C VAL A 564 3.00 -21.47 -10.15
N GLU A 565 2.91 -22.09 -11.31
CA GLU A 565 4.08 -22.76 -11.88
C GLU A 565 5.21 -21.78 -12.16
N ALA A 566 4.89 -20.62 -12.71
CA ALA A 566 5.89 -19.59 -13.00
C ALA A 566 6.51 -19.02 -11.73
N SER A 567 5.83 -19.16 -10.60
CA SER A 567 6.33 -18.60 -9.34
C SER A 567 7.17 -19.59 -8.55
N LYS A 568 7.19 -20.85 -8.94
CA LYS A 568 8.06 -21.83 -8.28
C LYS A 568 9.50 -21.57 -8.71
ZN ZN B . 19.31 -26.05 18.52
C1 CIT C . 36.11 -3.35 2.49
O1 CIT C . 36.01 -4.22 3.38
O2 CIT C . 35.50 -2.26 2.59
C2 CIT C . 36.99 -3.63 1.30
C3 CIT C . 36.22 -4.30 0.17
O7 CIT C . 35.48 -5.46 0.64
C4 CIT C . 35.28 -3.31 -0.49
C5 CIT C . 34.42 -4.05 -1.50
O3 CIT C . 34.45 -5.29 -1.56
O4 CIT C . 33.67 -3.42 -2.28
C6 CIT C . 37.25 -4.74 -0.87
O5 CIT C . 37.60 -3.95 -1.77
O6 CIT C . 37.77 -5.87 -0.80
H21 CIT C . 37.42 -2.69 0.94
H22 CIT C . 37.82 -4.28 1.61
HO7 CIT C . 35.83 -6.27 0.22
H41 CIT C . 35.85 -2.53 -1.00
H42 CIT C . 34.66 -2.84 0.25
C1 CIT D . 17.97 -6.81 9.98
O1 CIT D . 17.42 -6.79 11.10
O2 CIT D . 17.38 -7.39 9.03
C2 CIT D . 19.32 -6.19 9.73
C3 CIT D . 19.82 -5.27 10.84
O7 CIT D . 20.20 -6.10 11.97
C4 CIT D . 21.00 -4.45 10.34
C5 CIT D . 21.60 -3.64 11.48
O3 CIT D . 22.21 -2.56 11.25
O4 CIT D . 21.48 -4.05 12.64
C6 CIT D . 18.76 -4.34 11.36
O5 CIT D . 18.39 -4.44 12.54
O6 CIT D . 18.26 -3.46 10.62
H21 CIT D . 20.05 -6.99 9.59
H22 CIT D . 19.28 -5.62 8.80
HO7 CIT D . 19.67 -5.84 12.75
H41 CIT D . 20.68 -3.78 9.54
H42 CIT D . 21.76 -5.13 9.93
N B3M E . 11.21 -0.47 4.76
CB B3M E . 9.68 -2.17 5.89
C B3M E . 10.82 -3.23 5.81
O B3M E . 11.90 -2.89 5.29
CA B3M E . 10.32 -0.74 5.93
CG B3M E . 9.15 0.34 6.00
CD B3M E . 9.72 1.73 6.24
SE B3M E . 8.31 2.88 6.32
CF B3M E . 9.06 4.36 6.71
H B3M E . 11.07 -1.11 4.00
H2 B3M E . 12.19 -0.51 5.03
HB1 B3M E . 9.01 -2.30 5.03
HB2 B3M E . 9.06 -2.37 6.78
HA B3M E . 10.94 -0.63 6.87
HG B3M E . 8.44 0.09 6.79
HGA B3M E . 8.57 0.34 5.07
HD B3M E . 10.29 1.79 7.18
HDA B3M E . 10.40 2.04 5.43
HF B3M E . 9.72 4.60 5.87
OXT B3M E . 10.56 -4.35 6.30
HFA B3M E . 8.25 5.09 6.82
HFB B3M E . 9.60 4.20 7.64
#